data_7XYQ
#
_entry.id   7XYQ
#
_cell.length_a   97.930
_cell.length_b   97.930
_cell.length_c   106.110
_cell.angle_alpha   90.000
_cell.angle_beta   90.000
_cell.angle_gamma   90.000
#
_symmetry.space_group_name_H-M   'P 42 21 2'
#
loop_
_entity.id
_entity.type
_entity.pdbx_description
1 polymer 'CD274 molecule'
2 polymer DBL1_03
3 non-polymer ARGININE
4 water water
#
loop_
_entity_poly.entity_id
_entity_poly.type
_entity_poly.pdbx_seq_one_letter_code
_entity_poly.pdbx_strand_id
1 'polypeptide(L)'
;FTVTVPKDLYVVEYGSNMTIECKFPVEKQLDLAALIVYWEMEDKNIIQFVHGEEDLKVQHSSYRQRARLLKDQLSLGNAA
LQITDVKLQDAGVYRCMISYGGADYKRITVKVNAPYNKINQRILVVDPVTSEHELTCQAEGYPKAEVIWTSSDHQVLSGK
TTTTNSKREEKLFNVTSTLRINTTTNEIFYCTFRRLDPEENHTAELV
;
A
2 'polypeptide(L)'
;GGETGSSIESMKASMIVQQILCQLETGIDQQKANDVIEGNIDVEDKKVQLYCECILKQFHILDKNNVFKPQGIKAVMELL
IDENSVKQLVSDCSTISEENPHLKASKLMQCISKYKTWKSFDFL
;
B
#
# COMPACT_ATOMS: atom_id res chain seq x y z
N PHE A 1 -1.14 -22.54 -13.29
CA PHE A 1 -1.77 -21.56 -12.41
C PHE A 1 -1.16 -20.20 -12.63
N THR A 2 -1.97 -19.24 -13.07
CA THR A 2 -1.44 -17.95 -13.50
C THR A 2 -2.39 -16.85 -13.07
N VAL A 3 -1.98 -16.05 -12.10
CA VAL A 3 -2.73 -14.89 -11.66
C VAL A 3 -2.49 -13.75 -12.63
N THR A 4 -3.56 -13.07 -13.04
CA THR A 4 -3.46 -11.97 -14.00
C THR A 4 -4.17 -10.73 -13.46
N VAL A 5 -4.02 -9.61 -14.18
CA VAL A 5 -4.56 -8.33 -13.75
C VAL A 5 -5.01 -7.50 -14.93
N PRO A 6 -6.24 -6.98 -14.91
CA PRO A 6 -6.73 -6.20 -16.05
C PRO A 6 -5.93 -4.91 -16.25
N LYS A 7 -5.74 -4.09 -15.22
CA LYS A 7 -4.95 -2.87 -15.32
C LYS A 7 -3.76 -2.95 -14.39
N ASP A 8 -2.58 -2.61 -14.88
CA ASP A 8 -1.41 -2.59 -14.02
C ASP A 8 -1.27 -1.30 -13.22
N LEU A 9 -1.97 -0.25 -13.62
CA LEU A 9 -1.95 1.00 -12.87
C LEU A 9 -3.35 1.53 -12.73
N TYR A 10 -3.73 1.83 -11.49
CA TYR A 10 -4.96 2.54 -11.23
C TYR A 10 -4.65 3.98 -10.85
N VAL A 11 -5.42 4.90 -11.42
CA VAL A 11 -5.28 6.35 -11.18
C VAL A 11 -6.65 6.81 -10.68
N VAL A 12 -6.76 7.11 -9.38
CA VAL A 12 -8.06 7.20 -8.72
C VAL A 12 -8.13 8.47 -7.91
N GLU A 13 -9.29 9.14 -7.93
CA GLU A 13 -9.42 10.47 -7.34
C GLU A 13 -9.47 10.39 -5.82
N TYR A 14 -8.77 11.32 -5.16
CA TYR A 14 -8.80 11.46 -3.70
C TYR A 14 -10.24 11.51 -3.20
N GLY A 15 -10.58 10.62 -2.27
CA GLY A 15 -11.93 10.52 -1.71
C GLY A 15 -12.90 9.59 -2.44
N SER A 16 -12.86 9.59 -3.77
CA SER A 16 -13.61 8.61 -4.56
C SER A 16 -13.10 7.21 -4.26
N ASN A 17 -14.00 6.24 -4.38
CA ASN A 17 -13.74 4.86 -3.97
C ASN A 17 -12.86 4.17 -5.01
N MET A 18 -12.57 2.87 -4.78
CA MET A 18 -11.60 2.16 -5.60
C MET A 18 -11.84 0.65 -5.51
N THR A 19 -11.67 -0.03 -6.66
CA THR A 19 -11.74 -1.49 -6.72
C THR A 19 -10.64 -1.95 -7.65
N ILE A 20 -9.68 -2.73 -7.12
CA ILE A 20 -8.57 -3.21 -7.93
C ILE A 20 -8.66 -4.72 -7.97
N GLU A 21 -8.58 -5.27 -9.17
CA GLU A 21 -8.94 -6.66 -9.35
C GLU A 21 -7.73 -7.52 -9.56
N CYS A 22 -7.91 -8.81 -9.31
CA CYS A 22 -6.87 -9.77 -9.56
C CYS A 22 -7.60 -11.05 -9.94
N LYS A 23 -7.37 -11.54 -11.15
CA LYS A 23 -8.06 -12.71 -11.65
C LYS A 23 -7.20 -13.93 -11.41
N PHE A 24 -7.81 -15.11 -11.43
CA PHE A 24 -7.10 -16.36 -11.21
C PHE A 24 -8.00 -17.48 -11.70
N PRO A 25 -7.44 -18.63 -12.08
CA PRO A 25 -8.22 -19.61 -12.86
C PRO A 25 -9.12 -20.47 -11.98
N VAL A 26 -10.36 -20.63 -12.41
CA VAL A 26 -11.31 -21.48 -11.70
C VAL A 26 -12.04 -22.36 -12.70
N GLU A 27 -11.63 -23.63 -12.80
CA GLU A 27 -12.22 -24.49 -13.82
C GLU A 27 -13.58 -25.00 -13.40
N LYS A 28 -13.64 -25.66 -12.24
CA LYS A 28 -14.87 -26.21 -11.70
C LYS A 28 -15.50 -25.22 -10.73
N GLN A 29 -16.33 -25.70 -9.82
CA GLN A 29 -16.82 -24.86 -8.76
C GLN A 29 -15.66 -24.43 -7.86
N LEU A 30 -15.79 -23.24 -7.28
CA LEU A 30 -14.77 -22.78 -6.35
C LEU A 30 -14.90 -23.50 -5.03
N ASP A 31 -13.75 -23.91 -4.49
CA ASP A 31 -13.64 -24.58 -3.19
C ASP A 31 -12.98 -23.58 -2.24
N LEU A 32 -13.80 -22.88 -1.46
CA LEU A 32 -13.26 -21.92 -0.50
C LEU A 32 -12.37 -22.59 0.55
N ALA A 33 -12.45 -23.91 0.70
CA ALA A 33 -11.64 -24.57 1.72
C ALA A 33 -10.16 -24.54 1.35
N ALA A 34 -9.86 -24.43 0.05
CA ALA A 34 -8.51 -24.47 -0.49
C ALA A 34 -8.08 -23.16 -1.15
N LEU A 35 -8.88 -22.10 -1.03
CA LEU A 35 -8.51 -20.79 -1.57
C LEU A 35 -7.78 -19.98 -0.52
N ILE A 36 -6.74 -19.27 -0.97
CA ILE A 36 -6.05 -18.25 -0.19
C ILE A 36 -5.96 -16.97 -1.04
N VAL A 37 -6.31 -15.83 -0.44
CA VAL A 37 -6.28 -14.54 -1.12
C VAL A 37 -5.64 -13.54 -0.17
N TYR A 38 -4.49 -13.00 -0.58
CA TYR A 38 -3.67 -12.09 0.21
C TYR A 38 -3.39 -10.80 -0.58
N TRP A 39 -3.93 -9.68 -0.12
CA TRP A 39 -3.54 -8.36 -0.63
C TRP A 39 -2.64 -7.70 0.40
N GLU A 40 -1.54 -7.10 -0.07
CA GLU A 40 -0.68 -6.24 0.74
C GLU A 40 -0.30 -4.97 -0.01
N MET A 41 -0.12 -3.88 0.72
CA MET A 41 0.39 -2.62 0.09
C MET A 41 1.90 -2.63 0.30
N GLU A 42 2.46 -1.57 0.90
CA GLU A 42 3.90 -1.59 1.24
C GLU A 42 3.97 -1.50 2.76
N ASP A 43 4.66 -2.44 3.41
CA ASP A 43 4.77 -2.47 4.90
C ASP A 43 3.34 -2.44 5.44
N LYS A 44 2.42 -3.15 4.80
CA LYS A 44 1.00 -3.05 5.22
C LYS A 44 0.18 -4.23 4.70
N ASN A 45 -0.49 -4.93 5.60
CA ASN A 45 -1.36 -6.03 5.24
C ASN A 45 -2.80 -5.54 5.07
N ILE A 46 -3.39 -5.85 3.93
CA ILE A 46 -4.74 -5.39 3.59
C ILE A 46 -5.78 -6.50 3.70
N ILE A 47 -5.61 -7.62 2.95
CA ILE A 47 -6.51 -8.77 3.06
C ILE A 47 -5.70 -10.04 3.27
N GLN A 48 -6.07 -10.81 4.28
CA GLN A 48 -5.55 -12.16 4.45
C GLN A 48 -6.77 -13.04 4.64
N PHE A 49 -7.30 -13.55 3.56
CA PHE A 49 -8.48 -14.38 3.58
C PHE A 49 -8.06 -15.79 3.18
N VAL A 50 -8.17 -16.71 4.13
CA VAL A 50 -7.65 -18.08 3.99
C VAL A 50 -8.70 -19.04 4.55
N HIS A 51 -9.03 -20.08 3.78
CA HIS A 51 -9.98 -21.11 4.22
C HIS A 51 -11.32 -20.47 4.62
N GLY A 52 -11.93 -19.74 3.70
CA GLY A 52 -13.20 -19.12 3.99
C GLY A 52 -13.15 -17.91 4.90
N GLU A 53 -12.07 -17.70 5.63
CA GLU A 53 -12.02 -16.76 6.75
C GLU A 53 -11.09 -15.59 6.43
N GLU A 54 -11.66 -14.38 6.34
CA GLU A 54 -10.89 -13.13 6.29
C GLU A 54 -10.37 -12.79 7.69
N ASP A 55 -9.06 -12.95 7.90
CA ASP A 55 -8.37 -12.63 9.15
C ASP A 55 -8.40 -11.12 9.40
N LEU A 56 -9.31 -10.68 10.25
CA LEU A 56 -9.41 -9.27 10.56
C LEU A 56 -8.28 -8.79 11.49
N LYS A 57 -7.59 -9.71 12.17
CA LYS A 57 -6.59 -9.35 13.18
C LYS A 57 -5.23 -8.97 12.59
N VAL A 58 -5.01 -9.14 11.29
CA VAL A 58 -3.71 -8.81 10.69
C VAL A 58 -3.84 -7.57 9.83
N GLN A 59 -5.06 -7.21 9.49
CA GLN A 59 -5.28 -6.07 8.63
C GLN A 59 -4.88 -4.79 9.35
N HIS A 60 -4.11 -3.96 8.63
CA HIS A 60 -3.66 -2.69 9.17
C HIS A 60 -4.84 -1.84 9.61
N SER A 61 -4.68 -1.17 10.75
CA SER A 61 -5.74 -0.33 11.28
C SER A 61 -6.14 0.76 10.28
N SER A 62 -5.21 1.22 9.44
CA SER A 62 -5.59 2.29 8.51
C SER A 62 -6.41 1.77 7.34
N TYR A 63 -6.65 0.47 7.28
CA TYR A 63 -7.55 -0.13 6.30
C TYR A 63 -8.73 -0.81 6.99
N ARG A 64 -8.81 -0.67 8.33
CA ARG A 64 -9.51 -1.65 9.16
C ARG A 64 -10.99 -1.72 8.86
N GLN A 65 -11.56 -0.68 8.26
CA GLN A 65 -12.94 -0.69 7.83
C GLN A 65 -13.14 -0.06 6.45
N ARG A 66 -12.11 0.53 5.85
CA ARG A 66 -12.28 1.07 4.51
C ARG A 66 -12.16 0.00 3.42
N ALA A 67 -11.57 -1.14 3.70
CA ALA A 67 -11.19 -2.08 2.65
C ALA A 67 -11.90 -3.39 2.86
N ARG A 68 -12.12 -4.12 1.78
CA ARG A 68 -12.80 -5.40 1.88
C ARG A 68 -12.64 -6.16 0.59
N LEU A 69 -12.60 -7.46 0.72
CA LEU A 69 -12.52 -8.33 -0.44
C LEU A 69 -13.95 -8.56 -0.92
N LEU A 70 -14.16 -8.48 -2.24
CA LEU A 70 -15.51 -8.70 -2.76
C LEU A 70 -15.72 -10.20 -2.86
N LYS A 71 -16.26 -10.75 -1.78
CA LYS A 71 -16.36 -12.20 -1.67
C LYS A 71 -17.27 -12.78 -2.75
N ASP A 72 -18.39 -12.09 -3.05
CA ASP A 72 -19.28 -12.58 -4.09
C ASP A 72 -18.52 -12.95 -5.36
N GLN A 73 -17.51 -12.14 -5.72
CA GLN A 73 -16.85 -12.31 -7.01
C GLN A 73 -15.73 -13.32 -7.02
N LEU A 74 -15.35 -13.89 -5.87
CA LEU A 74 -14.31 -14.91 -5.91
C LEU A 74 -14.75 -16.12 -6.72
N SER A 75 -16.02 -16.50 -6.57
CA SER A 75 -16.53 -17.62 -7.34
C SER A 75 -16.35 -17.39 -8.85
N LEU A 76 -16.09 -16.15 -9.26
CA LEU A 76 -15.77 -15.86 -10.65
C LEU A 76 -14.27 -15.75 -10.91
N GLY A 77 -13.44 -16.49 -10.19
CA GLY A 77 -12.00 -16.27 -10.28
C GLY A 77 -11.64 -14.82 -10.29
N ASN A 78 -12.26 -14.01 -9.43
CA ASN A 78 -11.98 -12.57 -9.34
C ASN A 78 -11.83 -12.19 -7.87
N ALA A 79 -10.59 -11.97 -7.47
CA ALA A 79 -10.24 -11.45 -6.15
C ALA A 79 -10.18 -9.94 -6.22
N ALA A 80 -11.21 -9.26 -5.73
CA ALA A 80 -11.32 -7.81 -5.89
C ALA A 80 -11.13 -7.18 -4.53
N LEU A 81 -10.12 -6.36 -4.41
CA LEU A 81 -9.99 -5.48 -3.26
C LEU A 81 -10.80 -4.23 -3.55
N GLN A 82 -11.62 -3.80 -2.58
CA GLN A 82 -12.34 -2.53 -2.68
C GLN A 82 -11.98 -1.68 -1.48
N ILE A 83 -11.91 -0.37 -1.69
CA ILE A 83 -11.34 0.56 -0.72
C ILE A 83 -12.13 1.85 -0.81
N THR A 84 -12.78 2.19 0.28
CA THR A 84 -13.70 3.31 0.33
C THR A 84 -12.96 4.56 0.81
N ASP A 85 -13.18 5.67 0.10
CA ASP A 85 -12.67 7.00 0.49
C ASP A 85 -11.15 7.04 0.34
N VAL A 86 -10.71 6.90 -0.90
CA VAL A 86 -9.29 6.74 -1.12
C VAL A 86 -8.56 7.97 -0.61
N LYS A 87 -7.63 7.74 0.27
CA LYS A 87 -6.90 8.82 0.86
C LYS A 87 -5.57 8.97 0.14
N LEU A 88 -4.66 9.68 0.75
CA LEU A 88 -3.34 9.88 0.18
C LEU A 88 -2.35 8.78 0.55
N GLN A 89 -2.51 8.11 1.70
CA GLN A 89 -1.62 6.98 1.95
C GLN A 89 -1.91 5.80 1.05
N ASP A 90 -3.05 5.80 0.37
CA ASP A 90 -3.43 4.62 -0.39
C ASP A 90 -2.66 4.48 -1.68
N ALA A 91 -1.84 5.47 -2.02
CA ALA A 91 -1.08 5.41 -3.25
C ALA A 91 0.16 4.55 -3.03
N GLY A 92 0.47 3.72 -4.00
CA GLY A 92 1.67 2.92 -3.97
C GLY A 92 1.46 1.59 -4.67
N VAL A 93 2.41 0.69 -4.46
CA VAL A 93 2.40 -0.61 -5.12
C VAL A 93 1.72 -1.60 -4.20
N TYR A 94 0.67 -2.21 -4.70
CA TYR A 94 -0.07 -3.26 -4.05
C TYR A 94 0.40 -4.58 -4.62
N ARG A 95 0.14 -5.66 -3.91
CA ARG A 95 0.39 -7.00 -4.41
C ARG A 95 -0.77 -7.90 -4.03
N CYS A 96 -1.15 -8.79 -4.95
CA CYS A 96 -2.17 -9.80 -4.74
C CYS A 96 -1.54 -11.16 -4.99
N MET A 97 -1.37 -11.95 -3.93
CA MET A 97 -1.00 -13.36 -4.03
C MET A 97 -2.25 -14.24 -3.92
N ILE A 98 -2.42 -15.16 -4.88
CA ILE A 98 -3.52 -16.13 -4.81
C ILE A 98 -2.94 -17.54 -4.76
N SER A 99 -3.60 -18.41 -3.98
CA SER A 99 -3.21 -19.82 -3.92
C SER A 99 -4.44 -20.72 -3.93
N TYR A 100 -4.56 -21.51 -5.01
CA TYR A 100 -5.71 -22.39 -5.24
C TYR A 100 -5.27 -23.45 -6.24
N GLY A 101 -4.66 -24.52 -5.74
CA GLY A 101 -4.11 -25.55 -6.61
C GLY A 101 -2.69 -25.24 -6.99
N GLY A 102 -2.47 -24.03 -7.49
CA GLY A 102 -1.13 -23.50 -7.66
C GLY A 102 -0.99 -22.24 -6.85
N ALA A 103 -0.04 -21.39 -7.23
CA ALA A 103 0.08 -20.10 -6.58
C ALA A 103 0.78 -19.13 -7.51
N ASP A 104 0.36 -17.87 -7.47
CA ASP A 104 1.01 -16.82 -8.22
C ASP A 104 0.84 -15.54 -7.43
N TYR A 105 1.50 -14.48 -7.90
CA TYR A 105 1.30 -13.14 -7.36
C TYR A 105 1.44 -12.13 -8.49
N LYS A 106 0.78 -10.99 -8.34
CA LYS A 106 1.00 -9.87 -9.24
C LYS A 106 0.99 -8.58 -8.44
N ARG A 107 1.60 -7.55 -9.02
CA ARG A 107 1.69 -6.24 -8.39
C ARG A 107 0.86 -5.24 -9.20
N ILE A 108 0.22 -4.30 -8.50
CA ILE A 108 -0.56 -3.25 -9.13
C ILE A 108 -0.13 -1.90 -8.59
N THR A 109 -0.11 -0.89 -9.44
CA THR A 109 0.26 0.44 -9.00
C THR A 109 -0.99 1.28 -8.87
N VAL A 110 -1.02 2.12 -7.83
CA VAL A 110 -2.18 2.95 -7.58
C VAL A 110 -1.66 4.34 -7.28
N LYS A 111 -1.86 5.26 -8.22
CA LYS A 111 -1.72 6.68 -7.95
C LYS A 111 -3.09 7.23 -7.60
N VAL A 112 -3.12 8.13 -6.61
CA VAL A 112 -4.34 8.79 -6.18
C VAL A 112 -4.28 10.17 -6.84
N ASN A 113 -4.74 10.21 -8.09
CA ASN A 113 -4.74 11.46 -8.87
C ASN A 113 -5.74 12.46 -8.29
N ALA A 114 -5.23 13.58 -7.79
CA ALA A 114 -6.07 14.67 -7.30
C ALA A 114 -5.90 15.88 -8.20
N PRO A 115 -6.60 15.91 -9.35
CA PRO A 115 -6.56 17.10 -10.19
C PRO A 115 -7.39 18.19 -9.55
N TYR A 116 -7.01 19.44 -9.78
CA TYR A 116 -7.70 20.55 -9.11
C TYR A 116 -9.04 20.77 -9.80
N ASN A 117 -9.92 19.76 -9.65
CA ASN A 117 -11.11 19.65 -10.48
C ASN A 117 -12.29 20.44 -9.93
N LYS A 118 -12.43 20.51 -8.61
CA LYS A 118 -13.55 21.24 -8.02
C LYS A 118 -13.06 22.65 -7.65
N ILE A 119 -13.07 23.54 -8.66
CA ILE A 119 -12.68 24.93 -8.44
C ILE A 119 -13.85 25.69 -7.85
N ASN A 120 -13.63 26.30 -6.70
CA ASN A 120 -14.57 27.20 -6.05
C ASN A 120 -14.33 28.62 -6.56
N GLN A 121 -15.39 29.44 -6.58
CA GLN A 121 -15.20 30.80 -7.09
C GLN A 121 -16.02 31.80 -6.30
N ARG A 122 -15.44 32.98 -6.10
CA ARG A 122 -16.09 34.10 -5.43
C ARG A 122 -15.67 35.40 -6.10
N ILE A 123 -16.59 36.36 -6.14
CA ILE A 123 -16.33 37.70 -6.64
C ILE A 123 -16.89 38.68 -5.62
N LEU A 124 -16.07 39.63 -5.18
CA LEU A 124 -16.49 40.58 -4.17
C LEU A 124 -16.31 42.00 -4.67
N VAL A 125 -17.37 42.81 -4.55
CA VAL A 125 -17.29 44.23 -4.84
C VAL A 125 -16.58 44.88 -3.66
N VAL A 126 -15.26 45.01 -3.77
CA VAL A 126 -14.51 45.69 -2.71
C VAL A 126 -14.96 47.13 -2.60
N ASP A 127 -15.08 47.79 -3.73
CA ASP A 127 -15.45 49.20 -3.71
C ASP A 127 -16.40 49.49 -4.86
N PRO A 128 -17.67 49.81 -4.55
CA PRO A 128 -18.62 50.18 -5.62
C PRO A 128 -18.31 51.51 -6.29
N VAL A 129 -17.57 52.41 -5.63
CA VAL A 129 -17.26 53.70 -6.23
C VAL A 129 -16.16 53.55 -7.28
N THR A 130 -15.09 52.82 -6.95
CA THR A 130 -13.98 52.56 -7.86
C THR A 130 -14.16 51.27 -8.67
N SER A 131 -15.29 50.58 -8.50
CA SER A 131 -15.57 49.33 -9.21
C SER A 131 -14.53 48.26 -8.90
N GLU A 132 -13.87 48.37 -7.74
CA GLU A 132 -12.82 47.42 -7.39
C GLU A 132 -13.47 46.12 -6.92
N HIS A 133 -13.21 45.03 -7.64
CA HIS A 133 -13.74 43.72 -7.34
C HIS A 133 -12.61 42.78 -6.93
N GLU A 134 -12.99 41.74 -6.19
CA GLU A 134 -12.06 40.71 -5.73
C GLU A 134 -12.57 39.36 -6.23
N LEU A 135 -11.85 38.77 -7.17
CA LEU A 135 -12.24 37.51 -7.79
C LEU A 135 -11.37 36.39 -7.22
N THR A 136 -12.00 35.34 -6.71
CA THR A 136 -11.26 34.29 -6.02
C THR A 136 -11.50 32.93 -6.67
N CYS A 137 -10.50 32.06 -6.58
CA CYS A 137 -10.58 30.66 -6.96
C CYS A 137 -9.85 29.80 -5.95
N GLN A 138 -10.42 28.65 -5.60
CA GLN A 138 -9.93 27.84 -4.50
C GLN A 138 -10.10 26.38 -4.89
N ALA A 139 -9.01 25.64 -5.02
CA ALA A 139 -9.15 24.24 -5.39
C ALA A 139 -8.17 23.39 -4.61
N GLU A 140 -8.26 22.07 -4.78
CA GLU A 140 -7.50 21.23 -3.89
C GLU A 140 -7.10 19.94 -4.59
N GLY A 141 -5.83 19.58 -4.45
CA GLY A 141 -5.30 18.38 -5.07
C GLY A 141 -3.84 18.18 -4.70
N TYR A 142 -3.28 17.06 -5.14
CA TYR A 142 -2.03 16.60 -4.56
C TYR A 142 -0.81 17.25 -5.18
N PRO A 143 -0.65 17.31 -6.50
CA PRO A 143 0.51 18.04 -7.01
C PRO A 143 0.21 19.53 -6.88
N LYS A 144 1.11 20.30 -6.27
CA LYS A 144 0.88 21.74 -6.10
C LYS A 144 0.66 22.41 -7.45
N ALA A 145 -0.12 23.48 -7.45
CA ALA A 145 -0.50 24.16 -8.67
C ALA A 145 -0.35 25.66 -8.52
N GLU A 146 0.07 26.31 -9.59
CA GLU A 146 0.03 27.77 -9.63
C GLU A 146 -1.30 28.21 -10.23
N VAL A 147 -1.64 29.48 -10.04
CA VAL A 147 -2.86 30.05 -10.62
C VAL A 147 -2.50 31.25 -11.49
N ILE A 148 -3.04 31.25 -12.71
CA ILE A 148 -2.83 32.28 -13.71
C ILE A 148 -4.18 32.96 -13.96
N TRP A 149 -4.23 34.29 -13.80
CA TRP A 149 -5.42 35.10 -14.06
C TRP A 149 -5.31 35.70 -15.46
N THR A 150 -6.40 35.63 -16.23
CA THR A 150 -6.43 36.28 -17.53
C THR A 150 -7.78 36.96 -17.78
N SER A 151 -7.74 38.20 -18.24
CA SER A 151 -8.96 38.88 -18.63
C SER A 151 -9.46 38.29 -19.95
N SER A 152 -10.52 38.88 -20.50
CA SER A 152 -11.03 38.42 -21.79
C SER A 152 -10.04 38.71 -22.92
N ASP A 153 -9.17 39.69 -22.72
CA ASP A 153 -8.12 39.96 -23.68
C ASP A 153 -7.05 38.88 -23.70
N HIS A 154 -7.10 37.97 -22.74
CA HIS A 154 -6.15 36.87 -22.55
C HIS A 154 -4.75 37.39 -22.23
N GLN A 155 -4.60 38.69 -22.00
CA GLN A 155 -3.47 39.23 -21.26
C GLN A 155 -3.39 38.58 -19.87
N VAL A 156 -2.18 38.38 -19.38
CA VAL A 156 -1.98 37.74 -18.07
C VAL A 156 -2.04 38.81 -16.99
N LEU A 157 -2.95 38.64 -16.04
CA LEU A 157 -3.08 39.51 -14.89
C LEU A 157 -2.23 38.96 -13.73
N SER A 158 -1.99 39.78 -12.70
CA SER A 158 -1.21 39.35 -11.53
C SER A 158 -2.12 39.18 -10.32
N GLY A 159 -2.19 37.95 -9.78
CA GLY A 159 -2.94 37.65 -8.59
C GLY A 159 -2.08 37.10 -7.47
N LYS A 160 -2.68 37.02 -6.27
CA LYS A 160 -2.02 36.52 -5.06
C LYS A 160 -2.47 35.07 -4.85
N THR A 161 -1.51 34.14 -4.80
CA THR A 161 -1.78 32.71 -4.62
C THR A 161 -1.15 32.23 -3.32
N THR A 162 -1.98 31.66 -2.42
CA THR A 162 -1.55 31.09 -1.13
C THR A 162 -1.78 29.59 -1.10
N THR A 163 -0.70 28.84 -0.90
CA THR A 163 -0.73 27.38 -0.90
C THR A 163 -0.56 26.86 0.53
N THR A 164 -1.42 25.93 0.92
CA THR A 164 -1.37 25.31 2.23
C THR A 164 -1.60 23.81 2.08
N ASN A 165 -1.82 23.13 3.19
CA ASN A 165 -2.11 21.69 3.15
C ASN A 165 -3.57 21.33 3.39
N GLU A 170 -3.50 15.30 4.48
CA GLU A 170 -2.20 15.83 4.87
C GLU A 170 -1.35 16.19 3.65
N LYS A 171 -1.27 15.25 2.72
CA LYS A 171 -0.50 15.42 1.50
C LYS A 171 -1.24 16.18 0.40
N LEU A 172 -2.49 16.54 0.60
CA LEU A 172 -3.24 17.24 -0.43
C LEU A 172 -3.02 18.73 -0.22
N PHE A 173 -2.93 19.46 -1.30
CA PHE A 173 -2.65 20.90 -1.21
C PHE A 173 -3.94 21.67 -1.43
N ASN A 174 -4.06 22.80 -0.74
CA ASN A 174 -5.18 23.72 -0.93
C ASN A 174 -4.62 25.04 -1.46
N VAL A 175 -5.08 25.44 -2.65
CA VAL A 175 -4.53 26.60 -3.36
C VAL A 175 -5.63 27.63 -3.55
N THR A 176 -5.54 28.74 -2.80
CA THR A 176 -6.50 29.84 -2.90
C THR A 176 -5.85 31.01 -3.63
N SER A 177 -6.55 31.55 -4.63
CA SER A 177 -6.04 32.62 -5.46
C SER A 177 -7.06 33.74 -5.48
N THR A 178 -6.55 34.99 -5.41
CA THR A 178 -7.36 36.20 -5.36
C THR A 178 -6.80 37.23 -6.34
N LEU A 179 -7.71 37.94 -7.02
CA LEU A 179 -7.39 38.96 -8.04
C LEU A 179 -8.21 40.22 -7.75
N ARG A 180 -7.56 41.29 -7.31
CA ARG A 180 -8.19 42.59 -7.17
C ARG A 180 -8.09 43.32 -8.50
N ILE A 181 -9.24 43.70 -9.07
CA ILE A 181 -9.24 44.38 -10.36
C ILE A 181 -10.40 45.37 -10.42
N ASN A 182 -10.17 46.50 -11.08
CA ASN A 182 -11.23 47.45 -11.38
C ASN A 182 -11.88 47.00 -12.69
N THR A 183 -13.08 46.41 -12.61
CA THR A 183 -13.75 45.83 -13.76
C THR A 183 -15.22 46.24 -13.81
N THR A 184 -15.79 46.26 -15.03
CA THR A 184 -17.18 46.61 -15.28
C THR A 184 -18.05 45.35 -15.31
N THR A 185 -19.37 45.52 -15.46
CA THR A 185 -20.29 44.39 -15.48
C THR A 185 -20.20 43.63 -16.81
N ASN A 186 -20.44 42.32 -16.75
CA ASN A 186 -20.43 41.39 -17.88
C ASN A 186 -19.02 41.08 -18.37
N GLU A 187 -17.98 41.62 -17.74
CA GLU A 187 -16.61 41.29 -18.12
C GLU A 187 -16.20 39.94 -17.53
N ILE A 188 -15.47 39.16 -18.33
CA ILE A 188 -15.13 37.78 -18.02
C ILE A 188 -13.66 37.70 -17.66
N PHE A 189 -13.35 37.02 -16.55
CA PHE A 189 -11.98 36.69 -16.19
C PHE A 189 -11.85 35.17 -16.03
N TYR A 190 -10.61 34.68 -16.02
CA TYR A 190 -10.34 33.26 -16.12
C TYR A 190 -9.27 32.87 -15.12
N CYS A 191 -9.60 31.97 -14.18
CA CYS A 191 -8.64 31.44 -13.22
C CYS A 191 -8.19 30.05 -13.67
N THR A 192 -6.93 29.90 -14.05
CA THR A 192 -6.43 28.61 -14.47
C THR A 192 -5.53 28.05 -13.38
N PHE A 193 -5.75 26.78 -13.02
CA PHE A 193 -4.89 26.08 -12.06
C PHE A 193 -3.99 25.15 -12.86
N ARG A 194 -2.78 25.62 -13.09
CA ARG A 194 -1.73 24.80 -13.68
C ARG A 194 -1.25 23.83 -12.62
N ARG A 195 -1.54 22.56 -12.80
CA ARG A 195 -1.12 21.60 -11.79
C ARG A 195 0.40 21.23 -11.92
N LEU A 196 1.14 22.05 -12.66
CA LEU A 196 2.61 22.01 -12.74
C LEU A 196 3.17 20.68 -13.20
N ASP A 197 3.55 19.83 -12.24
CA ASP A 197 4.24 18.58 -12.59
C ASP A 197 3.34 17.69 -13.43
N PRO A 198 2.07 17.39 -13.05
CA PRO A 198 1.14 16.87 -14.06
C PRO A 198 0.32 17.97 -14.73
N GLU A 199 0.55 18.20 -16.03
CA GLU A 199 -0.18 19.25 -16.73
C GLU A 199 -1.64 18.88 -16.84
N GLU A 200 -2.40 19.41 -15.91
CA GLU A 200 -3.82 19.24 -15.84
C GLU A 200 -4.36 20.65 -15.69
N ASN A 201 -4.25 21.39 -16.79
CA ASN A 201 -4.75 22.76 -16.83
C ASN A 201 -6.27 22.77 -16.78
N HIS A 202 -6.82 23.50 -15.82
CA HIS A 202 -8.26 23.70 -15.71
C HIS A 202 -8.52 25.18 -15.50
N THR A 203 -9.41 25.74 -16.30
CA THR A 203 -9.73 27.17 -16.32
C THR A 203 -11.18 27.38 -15.92
N ALA A 204 -11.42 28.01 -14.77
CA ALA A 204 -12.77 28.41 -14.41
C ALA A 204 -13.04 29.85 -14.84
N GLU A 205 -14.28 30.12 -15.22
CA GLU A 205 -14.71 31.42 -15.73
C GLU A 205 -15.50 32.16 -14.66
N LEU A 206 -15.17 33.44 -14.48
CA LEU A 206 -15.87 34.32 -13.55
C LEU A 206 -16.44 35.49 -14.32
N VAL A 207 -17.74 35.71 -14.21
CA VAL A 207 -18.41 36.79 -14.92
C VAL A 207 -18.93 37.87 -13.96
N GLY B 1 6.88 -4.94 4.63
CA GLY B 1 5.78 -5.48 3.85
C GLY B 1 5.13 -6.76 4.31
N GLY B 2 4.10 -6.74 5.16
CA GLY B 2 3.52 -7.98 5.63
C GLY B 2 2.67 -7.74 6.86
N GLU B 3 2.60 -8.74 7.74
CA GLU B 3 1.66 -8.67 8.86
C GLU B 3 2.18 -9.35 10.11
N THR B 4 1.63 -8.92 11.26
CA THR B 4 1.91 -9.51 12.57
C THR B 4 0.62 -9.58 13.38
N GLY B 5 0.11 -10.79 13.61
CA GLY B 5 -1.09 -11.00 14.39
C GLY B 5 -0.81 -11.65 15.74
N SER B 6 -1.88 -11.80 16.52
CA SER B 6 -1.81 -12.23 17.93
C SER B 6 -2.89 -13.28 18.27
N SER B 7 -2.81 -14.40 17.58
CA SER B 7 -3.51 -15.62 17.95
C SER B 7 -2.92 -16.65 17.03
N ILE B 8 -2.61 -17.81 17.61
CA ILE B 8 -1.92 -18.87 16.88
C ILE B 8 -2.47 -19.02 15.48
N GLU B 9 -3.80 -19.01 15.32
CA GLU B 9 -4.38 -19.26 14.01
C GLU B 9 -4.06 -18.13 13.03
N SER B 10 -4.17 -16.89 13.47
CA SER B 10 -3.75 -15.79 12.59
C SER B 10 -2.29 -15.94 12.21
N MET B 11 -1.45 -16.29 13.18
CA MET B 11 -0.04 -16.47 12.90
C MET B 11 0.24 -17.62 11.95
N LYS B 12 -0.34 -18.79 12.19
CA LYS B 12 -0.22 -19.93 11.27
C LYS B 12 -0.68 -19.54 9.87
N ALA B 13 -1.76 -18.78 9.77
CA ALA B 13 -2.18 -18.26 8.47
C ALA B 13 -1.08 -17.40 7.86
N SER B 14 -0.56 -16.44 8.60
CA SER B 14 0.45 -15.55 8.05
C SER B 14 1.70 -16.33 7.69
N MET B 15 2.01 -17.36 8.47
CA MET B 15 3.11 -18.27 8.15
C MET B 15 2.92 -18.96 6.81
N ILE B 16 1.75 -19.53 6.57
CA ILE B 16 1.60 -20.27 5.32
C ILE B 16 1.56 -19.31 4.14
N VAL B 17 0.96 -18.13 4.32
CA VAL B 17 0.90 -17.15 3.23
C VAL B 17 2.29 -16.63 2.91
N GLN B 18 3.04 -16.18 3.92
CA GLN B 18 4.35 -15.62 3.65
C GLN B 18 5.31 -16.66 3.11
N GLN B 19 5.25 -17.90 3.62
CA GLN B 19 6.07 -18.95 3.03
C GLN B 19 5.80 -19.09 1.53
N ILE B 20 4.52 -19.29 1.16
CA ILE B 20 4.19 -19.46 -0.25
C ILE B 20 4.69 -18.27 -1.08
N LEU B 21 4.39 -17.04 -0.61
CA LEU B 21 4.73 -15.84 -1.39
C LEU B 21 6.25 -15.71 -1.56
N CYS B 22 7.02 -16.04 -0.52
CA CYS B 22 8.47 -15.97 -0.65
C CYS B 22 9.05 -17.07 -1.53
N GLN B 23 8.43 -18.25 -1.53
CA GLN B 23 8.76 -19.22 -2.58
C GLN B 23 8.51 -18.63 -3.95
N LEU B 24 7.44 -17.83 -4.07
CA LEU B 24 7.10 -17.27 -5.39
C LEU B 24 8.13 -16.24 -5.82
N GLU B 25 8.58 -15.39 -4.90
CA GLU B 25 9.60 -14.41 -5.27
C GLU B 25 10.93 -15.09 -5.57
N THR B 26 11.37 -16.01 -4.71
CA THR B 26 12.75 -16.48 -4.79
C THR B 26 12.93 -17.49 -5.92
N GLY B 27 12.03 -18.45 -6.02
CA GLY B 27 12.22 -19.58 -6.89
C GLY B 27 12.71 -20.81 -6.14
N ILE B 28 12.81 -20.72 -4.81
CA ILE B 28 13.47 -21.77 -4.04
C ILE B 28 12.70 -23.09 -4.17
N ASP B 29 13.44 -24.20 -4.23
CA ASP B 29 12.81 -25.51 -4.25
C ASP B 29 11.89 -25.69 -3.06
N GLN B 30 10.79 -26.43 -3.26
CA GLN B 30 9.90 -26.70 -2.13
C GLN B 30 10.64 -27.44 -1.03
N GLN B 31 11.56 -28.32 -1.40
CA GLN B 31 12.26 -29.11 -0.39
C GLN B 31 13.22 -28.23 0.41
N LYS B 32 13.95 -27.36 -0.27
CA LYS B 32 14.84 -26.43 0.43
C LYS B 32 14.05 -25.49 1.32
N ALA B 33 12.89 -25.02 0.84
CA ALA B 33 12.04 -24.17 1.67
C ALA B 33 11.58 -24.90 2.92
N ASN B 34 11.28 -26.20 2.80
CA ASN B 34 10.92 -26.96 4.00
C ASN B 34 12.11 -27.07 4.95
N ASP B 35 13.28 -27.43 4.43
CA ASP B 35 14.46 -27.50 5.27
C ASP B 35 14.71 -26.19 6.01
N VAL B 36 14.53 -25.06 5.31
CA VAL B 36 14.59 -23.77 6.00
C VAL B 36 13.57 -23.76 7.13
N ILE B 37 12.30 -24.05 6.82
CA ILE B 37 11.27 -24.08 7.85
C ILE B 37 11.60 -25.11 8.92
N GLU B 38 12.22 -26.23 8.54
CA GLU B 38 12.46 -27.33 9.46
C GLU B 38 13.68 -27.13 10.35
N GLY B 39 14.44 -26.05 10.14
CA GLY B 39 15.68 -25.84 10.84
C GLY B 39 16.91 -26.08 10.00
N ASN B 40 16.80 -26.86 8.93
CA ASN B 40 17.96 -27.22 8.12
C ASN B 40 18.26 -26.09 7.15
N ILE B 41 19.14 -25.21 7.59
CA ILE B 41 19.39 -23.94 6.94
C ILE B 41 20.82 -23.99 6.44
N ASP B 42 20.98 -24.22 5.15
CA ASP B 42 22.28 -24.03 4.49
C ASP B 42 22.58 -22.55 4.42
N VAL B 43 23.48 -22.08 5.27
CA VAL B 43 23.68 -20.64 5.39
C VAL B 43 24.17 -20.05 4.06
N GLU B 44 25.05 -20.76 3.35
CA GLU B 44 25.66 -20.29 2.10
C GLU B 44 24.88 -20.62 0.85
N ASP B 45 23.73 -21.29 0.94
CA ASP B 45 22.92 -21.54 -0.24
C ASP B 45 22.19 -20.25 -0.60
N LYS B 46 22.37 -19.80 -1.83
CA LYS B 46 21.85 -18.49 -2.24
C LYS B 46 20.32 -18.48 -2.31
N LYS B 47 19.71 -19.59 -2.78
CA LYS B 47 18.26 -19.66 -2.74
C LYS B 47 17.76 -19.71 -1.30
N VAL B 48 18.42 -20.51 -0.46
CA VAL B 48 18.10 -20.47 0.95
C VAL B 48 18.17 -19.06 1.49
N GLN B 49 19.28 -18.36 1.21
CA GLN B 49 19.47 -16.99 1.70
C GLN B 49 18.35 -16.09 1.26
N LEU B 50 18.03 -16.10 -0.03
CA LEU B 50 16.99 -15.22 -0.53
C LEU B 50 15.65 -15.51 0.13
N TYR B 51 15.35 -16.78 0.40
CA TYR B 51 14.07 -17.12 1.03
C TYR B 51 14.03 -16.64 2.48
N CYS B 52 15.10 -16.93 3.24
CA CYS B 52 15.25 -16.32 4.56
C CYS B 52 15.04 -14.81 4.49
N GLU B 53 15.65 -14.14 3.51
CA GLU B 53 15.59 -12.69 3.47
C GLU B 53 14.16 -12.23 3.19
N CYS B 54 13.54 -12.79 2.17
CA CYS B 54 12.14 -12.48 1.87
C CYS B 54 11.25 -12.68 3.08
N ILE B 55 11.44 -13.78 3.79
CA ILE B 55 10.44 -14.17 4.77
C ILE B 55 10.63 -13.41 6.06
N LEU B 56 11.88 -13.18 6.44
CA LEU B 56 12.14 -12.30 7.56
C LEU B 56 11.70 -10.87 7.29
N LYS B 57 11.83 -10.40 6.05
CA LYS B 57 11.39 -9.04 5.85
C LYS B 57 9.88 -8.94 5.80
N GLN B 58 9.19 -10.02 5.37
CA GLN B 58 7.72 -10.03 5.36
C GLN B 58 7.17 -9.97 6.76
N PHE B 59 7.72 -10.77 7.70
CA PHE B 59 7.40 -10.67 9.13
C PHE B 59 8.13 -9.54 9.85
N HIS B 60 8.74 -8.62 9.10
CA HIS B 60 9.35 -7.41 9.65
C HIS B 60 10.40 -7.73 10.73
N ILE B 61 11.15 -8.82 10.55
CA ILE B 61 12.18 -9.13 11.52
C ILE B 61 13.48 -8.47 11.08
N LEU B 62 13.68 -8.37 9.77
CA LEU B 62 14.64 -7.45 9.16
C LEU B 62 13.86 -6.33 8.51
N ASP B 63 14.31 -5.10 8.72
CA ASP B 63 13.69 -3.94 8.07
C ASP B 63 14.33 -3.67 6.69
N LYS B 64 13.92 -2.55 6.08
CA LYS B 64 14.36 -2.30 4.70
C LYS B 64 15.88 -2.17 4.60
N ASN B 65 16.58 -1.76 5.66
CA ASN B 65 18.03 -1.69 5.64
C ASN B 65 18.69 -2.82 6.42
N ASN B 66 18.07 -4.02 6.43
CA ASN B 66 18.66 -5.23 7.03
C ASN B 66 19.01 -5.06 8.49
N VAL B 67 18.16 -4.39 9.26
CA VAL B 67 18.42 -4.20 10.68
C VAL B 67 17.49 -5.13 11.42
N PHE B 68 18.04 -5.90 12.35
CA PHE B 68 17.22 -6.82 13.11
C PHE B 68 16.30 -6.02 14.02
N LYS B 69 15.02 -6.39 14.04
CA LYS B 69 14.00 -5.67 14.78
C LYS B 69 13.44 -6.55 15.89
N PRO B 70 13.65 -6.22 17.17
CA PRO B 70 13.15 -7.10 18.24
C PRO B 70 11.64 -7.27 18.24
N GLN B 71 10.90 -6.19 17.95
CA GLN B 71 9.44 -6.24 17.97
C GLN B 71 8.93 -7.38 17.10
N GLY B 72 9.43 -7.47 15.87
CA GLY B 72 8.86 -8.44 14.95
C GLY B 72 9.18 -9.88 15.33
N ILE B 73 10.40 -10.09 15.85
CA ILE B 73 10.72 -11.47 16.25
C ILE B 73 9.93 -11.87 17.49
N LYS B 74 9.73 -10.96 18.46
CA LYS B 74 8.80 -11.19 19.57
C LYS B 74 7.44 -11.62 19.03
N ALA B 75 6.91 -10.88 18.07
CA ALA B 75 5.56 -11.16 17.61
C ALA B 75 5.47 -12.58 17.05
N VAL B 76 6.56 -13.06 16.47
CA VAL B 76 6.47 -14.40 15.89
C VAL B 76 6.82 -15.49 16.90
N MET B 77 7.85 -15.31 17.70
CA MET B 77 8.29 -16.35 18.62
C MET B 77 7.55 -16.35 19.94
N GLU B 78 6.80 -15.30 20.26
CA GLU B 78 5.93 -15.40 21.45
C GLU B 78 5.01 -16.61 21.35
N LEU B 79 4.68 -17.06 20.14
CA LEU B 79 3.74 -18.14 19.90
C LEU B 79 4.38 -19.52 19.91
N LEU B 80 5.72 -19.63 19.95
CA LEU B 80 6.40 -20.92 20.00
C LEU B 80 7.22 -21.12 21.26
N ILE B 81 7.72 -20.07 21.90
CA ILE B 81 8.57 -20.24 23.06
C ILE B 81 8.12 -19.30 24.19
N ASP B 82 8.67 -19.54 25.39
CA ASP B 82 8.32 -18.70 26.52
C ASP B 82 8.86 -17.28 26.37
N GLU B 83 8.47 -16.44 27.33
CA GLU B 83 8.85 -15.04 27.34
C GLU B 83 10.36 -14.89 27.46
N ASN B 84 10.97 -15.62 28.39
CA ASN B 84 12.40 -15.46 28.68
C ASN B 84 13.27 -16.04 27.57
N SER B 85 12.93 -17.22 27.09
CA SER B 85 13.54 -17.70 25.86
C SER B 85 13.37 -16.71 24.69
N VAL B 86 12.26 -15.95 24.64
CA VAL B 86 12.17 -14.88 23.64
C VAL B 86 13.23 -13.80 23.91
N LYS B 87 13.37 -13.39 25.18
CA LYS B 87 14.38 -12.38 25.52
C LYS B 87 15.77 -12.85 25.11
N GLN B 88 16.10 -14.08 25.45
CA GLN B 88 17.39 -14.65 25.09
C GLN B 88 17.55 -14.72 23.56
N LEU B 89 16.48 -15.05 22.83
CA LEU B 89 16.62 -15.03 21.38
C LEU B 89 17.01 -13.65 20.88
N VAL B 90 16.28 -12.63 21.34
CA VAL B 90 16.59 -11.28 20.91
C VAL B 90 18.06 -10.98 21.14
N SER B 91 18.54 -11.21 22.36
CA SER B 91 19.92 -10.76 22.65
C SER B 91 20.94 -11.61 21.90
N ASP B 92 20.74 -12.93 21.81
CA ASP B 92 21.69 -13.76 21.07
C ASP B 92 21.75 -13.38 19.59
N CYS B 93 20.59 -13.28 18.95
CA CYS B 93 20.57 -13.01 17.52
C CYS B 93 20.77 -11.54 17.20
N SER B 94 20.90 -10.68 18.21
CA SER B 94 21.30 -9.32 17.89
C SER B 94 22.77 -9.20 17.47
N THR B 95 23.66 -10.09 17.94
CA THR B 95 25.06 -10.00 17.55
C THR B 95 25.32 -10.40 16.10
N ILE B 96 24.33 -10.86 15.34
CA ILE B 96 24.63 -11.30 13.99
C ILE B 96 24.84 -10.07 13.11
N SER B 97 26.01 -10.00 12.48
CA SER B 97 26.43 -8.81 11.73
C SER B 97 27.07 -9.31 10.45
N GLU B 98 26.46 -9.01 9.33
CA GLU B 98 26.97 -9.43 8.04
C GLU B 98 26.81 -8.31 7.04
N GLU B 99 27.86 -7.99 6.31
CA GLU B 99 27.59 -7.01 5.28
C GLU B 99 26.94 -7.63 4.05
N ASN B 100 27.02 -8.92 3.91
CA ASN B 100 26.24 -9.58 2.88
C ASN B 100 24.81 -9.79 3.39
N PRO B 101 23.83 -8.98 2.93
CA PRO B 101 22.51 -8.98 3.60
C PRO B 101 21.80 -10.31 3.54
N HIS B 102 21.89 -11.01 2.40
CA HIS B 102 21.30 -12.34 2.26
C HIS B 102 22.00 -13.33 3.20
N LEU B 103 23.34 -13.23 3.29
CA LEU B 103 24.04 -14.06 4.25
C LEU B 103 23.58 -13.72 5.67
N LYS B 104 23.20 -12.47 5.90
CA LYS B 104 22.78 -12.08 7.23
C LYS B 104 21.43 -12.71 7.52
N ALA B 105 20.58 -12.73 6.50
CA ALA B 105 19.24 -13.31 6.62
C ALA B 105 19.33 -14.79 6.93
N SER B 106 20.13 -15.52 6.15
CA SER B 106 20.26 -16.96 6.42
C SER B 106 20.84 -17.20 7.83
N LYS B 107 21.76 -16.35 8.29
CA LYS B 107 22.29 -16.55 9.63
C LYS B 107 21.27 -16.25 10.72
N LEU B 108 20.45 -15.19 10.58
CA LEU B 108 19.37 -14.97 11.56
C LEU B 108 18.40 -16.13 11.57
N MET B 109 18.05 -16.64 10.38
CA MET B 109 17.14 -17.78 10.43
C MET B 109 17.75 -18.91 11.22
N GLN B 110 19.02 -19.27 10.92
CA GLN B 110 19.78 -20.17 11.78
C GLN B 110 19.56 -19.87 13.25
N CYS B 111 19.94 -18.67 13.66
CA CYS B 111 19.96 -18.28 15.07
C CYS B 111 18.58 -18.38 15.71
N ILE B 112 17.54 -17.92 15.02
CA ILE B 112 16.17 -18.07 15.50
C ILE B 112 15.80 -19.54 15.60
N SER B 113 15.94 -20.27 14.48
CA SER B 113 15.57 -21.67 14.35
C SER B 113 16.14 -22.53 15.47
N LYS B 114 17.34 -22.20 15.94
CA LYS B 114 17.90 -22.99 17.02
C LYS B 114 17.12 -22.81 18.32
N TYR B 115 16.19 -21.85 18.38
CA TYR B 115 15.36 -21.83 19.57
C TYR B 115 14.06 -22.63 19.37
N LYS B 116 13.44 -22.50 18.21
CA LYS B 116 12.43 -23.46 17.81
C LYS B 116 12.32 -23.37 16.29
N THR B 117 12.19 -24.50 15.59
CA THR B 117 11.93 -24.43 14.16
C THR B 117 10.56 -23.81 13.89
N TRP B 118 10.41 -23.24 12.70
CA TRP B 118 9.15 -22.59 12.38
C TRP B 118 8.07 -23.60 11.98
N LYS B 119 8.47 -24.80 11.55
CA LYS B 119 7.47 -25.85 11.30
C LYS B 119 6.71 -26.23 12.55
N SER B 120 7.22 -25.84 13.72
CA SER B 120 6.47 -25.98 14.96
C SER B 120 5.09 -25.30 14.88
N PHE B 121 4.92 -24.30 14.02
CA PHE B 121 3.59 -23.73 13.84
C PHE B 121 2.62 -24.77 13.28
N ASP B 122 3.06 -25.55 12.27
CA ASP B 122 2.24 -26.63 11.76
C ASP B 122 1.80 -27.58 12.87
N PHE B 123 2.50 -27.59 14.00
CA PHE B 123 2.21 -28.51 15.09
C PHE B 123 1.29 -27.87 16.14
N LEU B 124 0.74 -26.69 15.86
CA LEU B 124 -0.23 -26.02 16.74
C LEU B 124 -1.59 -25.88 16.05
#